data_9JIZ
#
_entry.id   9JIZ
#
_cell.length_a   68.350
_cell.length_b   68.609
_cell.length_c   86.785
_cell.angle_alpha   90.000
_cell.angle_beta   90.000
_cell.angle_gamma   90.000
#
_symmetry.space_group_name_H-M   'P 21 21 21'
#
loop_
_entity.id
_entity.type
_entity.pdbx_description
1 polymer 'Macrophage migration inhibitory factor'
2 non-polymer 'ZINC ION'
3 non-polymer 'CARBONATE ION'
4 non-polymer 'SULFATE ION'
5 non-polymer GLYCEROL
6 non-polymer 'ISOPROPYL ALCOHOL'
7 water water
#
_entity_poly.entity_id   1
_entity_poly.type   'polypeptide(L)'
_entity_poly.pdbx_seq_one_letter_code
;MPMFIVNTNVPRASVPDGFLSELTQQLAQATGKPPQYIAVHVVPDQLMAFGGSSEPCALCHLHSIGKIGGAQNRSYSKLL
CGLLAERLRISPDRVYINYHDMNAANVGWNNSTFA
;
_entity_poly.pdbx_strand_id   A,B,C
#
loop_
_chem_comp.id
_chem_comp.type
_chem_comp.name
_chem_comp.formula
CO3 non-polymer 'CARBONATE ION' 'C O3 -2'
GOL non-polymer GLYCEROL 'C3 H8 O3'
IPA non-polymer 'ISOPROPYL ALCOHOL' 'C3 H8 O'
SO4 non-polymer 'SULFATE ION' 'O4 S -2'
ZN non-polymer 'ZINC ION' 'Zn 2'
#
# COMPACT_ATOMS: atom_id res chain seq x y z
N PRO A 2 -9.19 10.93 -6.63
CA PRO A 2 -8.33 10.81 -5.39
C PRO A 2 -8.73 9.54 -4.64
N MET A 3 -7.77 8.90 -4.02
CA MET A 3 -7.98 7.74 -3.23
C MET A 3 -7.15 7.76 -1.97
N PHE A 4 -7.81 7.46 -0.85
CA PHE A 4 -7.27 7.59 0.49
C PHE A 4 -7.39 6.25 1.20
N ILE A 5 -6.27 5.82 1.78
CA ILE A 5 -6.26 4.63 2.63
C ILE A 5 -5.73 5.00 4.00
N VAL A 6 -6.36 4.47 5.04
CA VAL A 6 -5.89 4.54 6.40
C VAL A 6 -5.74 3.15 6.99
N ASN A 7 -4.50 2.82 7.39
CA ASN A 7 -4.21 1.63 8.14
C ASN A 7 -4.09 2.04 9.59
N THR A 8 -4.75 1.32 10.48
CA THR A 8 -4.73 1.67 11.90
C THR A 8 -4.86 0.43 12.77
N ASN A 9 -4.29 0.54 13.98
CA ASN A 9 -4.50 -0.45 15.04
C ASN A 9 -5.82 -0.27 15.80
N VAL A 10 -6.56 0.81 15.57
CA VAL A 10 -7.86 0.97 16.22
C VAL A 10 -8.79 -0.16 15.80
N PRO A 11 -9.54 -0.77 16.73
CA PRO A 11 -10.41 -1.88 16.34
C PRO A 11 -11.57 -1.49 15.45
N ARG A 12 -12.07 -2.48 14.70
CA ARG A 12 -13.18 -2.20 13.79
C ARG A 12 -14.38 -1.55 14.49
N ALA A 13 -14.71 -1.98 15.71
CA ALA A 13 -15.91 -1.53 16.37
C ALA A 13 -15.76 -0.06 16.75
N SER A 14 -14.53 0.46 16.78
CA SER A 14 -14.29 1.87 17.08
C SER A 14 -14.37 2.77 15.84
N VAL A 15 -14.64 2.20 14.66
CA VAL A 15 -14.79 3.01 13.47
C VAL A 15 -16.27 3.36 13.38
N PRO A 16 -16.68 4.65 13.46
CA PRO A 16 -18.10 4.92 13.59
C PRO A 16 -18.86 4.68 12.30
N ASP A 17 -20.16 4.38 12.43
CA ASP A 17 -21.03 4.32 11.28
C ASP A 17 -21.01 5.65 10.51
N GLY A 18 -20.92 5.53 9.19
CA GLY A 18 -20.89 6.70 8.36
C GLY A 18 -19.51 7.28 8.06
N PHE A 19 -18.44 6.71 8.65
CA PHE A 19 -17.13 7.30 8.50
C PHE A 19 -16.64 7.30 7.04
N LEU A 20 -16.89 6.23 6.28
CA LEU A 20 -16.44 6.23 4.88
C LEU A 20 -17.08 7.33 4.08
N SER A 21 -18.36 7.57 4.39
N SER A 21 -18.38 7.61 4.35
CA SER A 21 -19.11 8.64 3.75
CA SER A 21 -19.04 8.74 3.70
C SER A 21 -18.58 10.03 4.13
C SER A 21 -18.47 10.09 4.12
N GLU A 22 -18.19 10.24 5.40
CA GLU A 22 -17.63 11.50 5.84
C GLU A 22 -16.27 11.74 5.18
N LEU A 23 -15.46 10.70 5.11
CA LEU A 23 -14.17 10.82 4.41
C LEU A 23 -14.36 11.19 2.94
N THR A 24 -15.32 10.51 2.27
CA THR A 24 -15.59 10.78 0.86
C THR A 24 -15.97 12.24 0.64
N GLN A 25 -16.91 12.71 1.47
CA GLN A 25 -17.40 14.06 1.34
C GLN A 25 -16.33 15.11 1.55
N GLN A 26 -15.57 14.92 2.62
CA GLN A 26 -14.59 15.93 2.98
C GLN A 26 -13.38 15.93 2.06
N LEU A 27 -13.02 14.76 1.53
CA LEU A 27 -11.97 14.70 0.52
C LEU A 27 -12.40 15.30 -0.80
N ALA A 28 -13.66 15.07 -1.19
CA ALA A 28 -14.20 15.72 -2.37
C ALA A 28 -14.03 17.24 -2.25
N GLN A 29 -14.43 17.76 -1.11
CA GLN A 29 -14.35 19.20 -0.92
C GLN A 29 -12.94 19.72 -0.87
N ALA A 30 -12.03 19.01 -0.19
CA ALA A 30 -10.65 19.47 -0.06
C ALA A 30 -9.91 19.47 -1.40
N THR A 31 -10.10 18.41 -2.19
CA THR A 31 -9.44 18.25 -3.47
C THR A 31 -10.14 19.01 -4.57
N GLY A 32 -11.40 19.37 -4.32
CA GLY A 32 -12.25 19.97 -5.31
C GLY A 32 -12.85 19.00 -6.33
N LYS A 33 -12.58 17.72 -6.18
CA LYS A 33 -13.00 16.72 -7.15
C LYS A 33 -14.38 16.18 -6.81
N PRO A 34 -15.21 15.75 -7.79
CA PRO A 34 -16.53 15.27 -7.46
C PRO A 34 -16.51 14.01 -6.62
N PRO A 35 -17.46 13.82 -5.67
CA PRO A 35 -17.40 12.66 -4.79
C PRO A 35 -17.41 11.34 -5.57
N GLN A 36 -18.02 11.34 -6.78
CA GLN A 36 -18.03 10.13 -7.60
C GLN A 36 -16.61 9.64 -7.96
N TYR A 37 -15.60 10.51 -7.92
CA TYR A 37 -14.23 10.14 -8.25
C TYR A 37 -13.39 9.80 -7.01
N ILE A 38 -13.97 9.91 -5.80
CA ILE A 38 -13.21 9.70 -4.57
C ILE A 38 -13.37 8.27 -4.13
N ALA A 39 -12.28 7.60 -3.80
CA ALA A 39 -12.31 6.27 -3.21
C ALA A 39 -11.63 6.31 -1.84
N VAL A 40 -12.17 5.57 -0.88
CA VAL A 40 -11.69 5.55 0.50
C VAL A 40 -11.59 4.10 0.98
N HIS A 41 -10.67 3.85 1.89
CA HIS A 41 -10.36 2.50 2.35
C HIS A 41 -9.84 2.64 3.77
N VAL A 42 -10.50 1.94 4.70
CA VAL A 42 -10.13 1.93 6.10
C VAL A 42 -9.78 0.50 6.50
N VAL A 43 -8.60 0.33 7.11
CA VAL A 43 -8.10 -0.98 7.50
C VAL A 43 -7.79 -0.98 9.00
N PRO A 44 -8.75 -1.45 9.81
CA PRO A 44 -8.59 -1.48 11.26
C PRO A 44 -7.89 -2.75 11.74
N ASP A 45 -7.70 -2.81 13.06
CA ASP A 45 -7.18 -4.01 13.73
C ASP A 45 -5.78 -4.41 13.27
N GLN A 46 -4.98 -3.44 12.84
CA GLN A 46 -3.65 -3.76 12.36
C GLN A 46 -2.60 -3.90 13.45
N LEU A 47 -1.58 -4.72 13.14
N LEU A 47 -1.59 -4.73 13.15
CA LEU A 47 -0.42 -4.90 14.00
CA LEU A 47 -0.43 -4.91 14.01
C LEU A 47 0.62 -3.85 13.61
C LEU A 47 0.62 -3.87 13.63
N MET A 48 0.68 -2.77 14.39
CA MET A 48 1.47 -1.61 14.06
C MET A 48 2.10 -1.03 15.32
N ALA A 49 3.16 -0.28 15.11
CA ALA A 49 3.78 0.57 16.13
C ALA A 49 4.18 1.88 15.48
N PHE A 50 4.18 2.93 16.30
CA PHE A 50 4.58 4.23 15.88
C PHE A 50 5.48 4.73 17.00
N GLY A 51 6.75 5.05 16.70
CA GLY A 51 7.71 5.52 17.66
C GLY A 51 8.02 4.52 18.75
N GLY A 52 7.80 3.22 18.49
CA GLY A 52 8.12 2.16 19.43
C GLY A 52 6.91 1.70 20.22
N SER A 53 5.77 2.37 20.13
CA SER A 53 4.63 1.99 20.97
C SER A 53 3.37 1.74 20.12
N SER A 54 2.45 1.02 20.72
CA SER A 54 1.23 0.59 20.05
C SER A 54 -0.05 1.26 20.57
N GLU A 55 0.03 2.49 21.10
CA GLU A 55 -1.16 3.31 21.28
C GLU A 55 -1.73 3.62 19.89
N PRO A 56 -2.99 4.04 19.79
CA PRO A 56 -3.58 4.31 18.49
C PRO A 56 -2.70 5.13 17.58
N CYS A 57 -2.58 4.65 16.34
CA CYS A 57 -1.78 5.35 15.32
C CYS A 57 -2.38 5.05 13.96
N ALA A 58 -1.87 5.74 12.94
CA ALA A 58 -2.34 5.51 11.58
C ALA A 58 -1.21 5.76 10.58
N LEU A 59 -1.14 4.91 9.55
CA LEU A 59 -0.28 5.07 8.37
C LEU A 59 -1.21 5.11 7.16
N CYS A 60 -1.07 6.18 6.39
CA CYS A 60 -2.04 6.49 5.36
C CYS A 60 -1.35 6.83 4.02
N HIS A 61 -2.16 6.76 2.96
CA HIS A 61 -1.75 7.20 1.64
C HIS A 61 -2.89 7.98 1.01
N LEU A 62 -2.50 9.05 0.29
CA LEU A 62 -3.41 9.75 -0.62
C LEU A 62 -2.74 9.79 -2.00
N HIS A 63 -3.35 9.13 -2.98
CA HIS A 63 -2.96 9.25 -4.37
C HIS A 63 -3.96 10.15 -5.06
N SER A 64 -3.47 11.08 -5.90
CA SER A 64 -4.37 11.95 -6.65
C SER A 64 -3.67 12.35 -7.95
N ILE A 65 -4.46 12.47 -9.01
CA ILE A 65 -3.99 13.06 -10.25
C ILE A 65 -4.04 14.56 -10.07
N GLY A 66 -2.88 15.16 -9.75
CA GLY A 66 -2.89 16.58 -9.42
C GLY A 66 -3.47 16.84 -8.02
N LYS A 67 -3.61 18.12 -7.69
CA LYS A 67 -4.12 18.62 -6.41
C LYS A 67 -3.19 18.22 -5.26
N ILE A 68 -1.92 18.05 -5.57
CA ILE A 68 -0.89 17.73 -4.58
C ILE A 68 0.19 18.81 -4.63
N GLY A 69 0.57 19.30 -3.44
CA GLY A 69 1.61 20.31 -3.34
C GLY A 69 1.75 20.79 -1.91
N GLY A 70 2.74 21.64 -1.65
CA GLY A 70 3.07 21.94 -0.26
C GLY A 70 1.90 22.49 0.55
N ALA A 71 1.21 23.51 0.01
CA ALA A 71 0.11 24.10 0.75
C ALA A 71 -1.12 23.20 0.77
N GLN A 72 -1.39 22.53 -0.35
CA GLN A 72 -2.53 21.64 -0.39
C GLN A 72 -2.35 20.50 0.61
N ASN A 73 -1.14 19.96 0.67
CA ASN A 73 -0.86 18.82 1.52
C ASN A 73 -0.95 19.19 2.99
N ARG A 74 -0.51 20.41 3.33
CA ARG A 74 -0.69 20.87 4.70
C ARG A 74 -2.19 20.92 5.06
N SER A 75 -3.00 21.41 4.14
CA SER A 75 -4.44 21.49 4.34
C SER A 75 -5.08 20.10 4.44
N TYR A 76 -4.66 19.15 3.59
CA TYR A 76 -5.14 17.78 3.71
C TYR A 76 -4.78 17.17 5.05
N SER A 77 -3.55 17.46 5.52
CA SER A 77 -3.09 16.85 6.74
C SER A 77 -3.90 17.35 7.92
N LYS A 78 -4.18 18.67 7.95
CA LYS A 78 -5.01 19.22 9.00
C LYS A 78 -6.40 18.57 8.99
N LEU A 79 -6.98 18.47 7.80
CA LEU A 79 -8.29 17.87 7.66
C LEU A 79 -8.32 16.42 8.13
N LEU A 80 -7.40 15.62 7.60
CA LEU A 80 -7.37 14.19 7.85
C LEU A 80 -6.97 13.86 9.28
N CYS A 81 -5.92 14.51 9.82
CA CYS A 81 -5.59 14.29 11.22
C CYS A 81 -6.80 14.70 12.10
N GLY A 82 -7.49 15.79 11.73
CA GLY A 82 -8.65 16.21 12.51
C GLY A 82 -9.74 15.15 12.55
N LEU A 83 -10.02 14.56 11.40
CA LEU A 83 -10.98 13.47 11.32
C LEU A 83 -10.53 12.23 12.11
N LEU A 84 -9.25 11.85 11.99
CA LEU A 84 -8.77 10.66 12.68
C LEU A 84 -8.81 10.87 14.18
N ALA A 85 -8.51 12.12 14.63
CA ALA A 85 -8.56 12.42 16.06
C ALA A 85 -10.00 12.36 16.58
N GLU A 86 -10.90 13.06 15.87
CA GLU A 86 -12.27 13.18 16.36
C GLU A 86 -13.03 11.84 16.27
N ARG A 87 -12.85 11.11 15.16
CA ARG A 87 -13.62 9.91 14.94
C ARG A 87 -12.96 8.65 15.48
N LEU A 88 -11.65 8.50 15.34
CA LEU A 88 -10.95 7.28 15.72
C LEU A 88 -10.10 7.46 16.99
N ARG A 89 -10.07 8.67 17.54
CA ARG A 89 -9.33 8.98 18.77
C ARG A 89 -7.83 8.72 18.60
N ILE A 90 -7.30 9.02 17.42
CA ILE A 90 -5.87 8.89 17.16
C ILE A 90 -5.22 10.26 17.29
N SER A 91 -4.14 10.34 18.08
CA SER A 91 -3.39 11.58 18.19
C SER A 91 -2.79 11.98 16.86
N PRO A 92 -2.86 13.28 16.48
CA PRO A 92 -2.27 13.69 15.21
C PRO A 92 -0.79 13.42 15.08
N ASP A 93 -0.05 13.42 16.22
CA ASP A 93 1.38 13.15 16.19
C ASP A 93 1.72 11.67 16.07
N ARG A 94 0.70 10.82 15.89
CA ARG A 94 0.86 9.40 15.61
C ARG A 94 0.22 9.00 14.27
N VAL A 95 0.19 9.96 13.34
CA VAL A 95 -0.31 9.78 11.99
C VAL A 95 0.75 10.17 10.98
N TYR A 96 1.03 9.27 10.02
CA TYR A 96 1.79 9.65 8.82
C TYR A 96 0.89 9.48 7.60
N ILE A 97 0.97 10.44 6.67
CA ILE A 97 0.22 10.42 5.41
C ILE A 97 1.19 10.62 4.26
N ASN A 98 1.34 9.60 3.39
CA ASN A 98 2.15 9.74 2.20
C ASN A 98 1.30 10.28 1.05
N TYR A 99 1.69 11.41 0.48
CA TYR A 99 1.01 12.03 -0.67
C TYR A 99 1.76 11.68 -1.95
N HIS A 100 1.02 11.13 -2.96
CA HIS A 100 1.60 10.78 -4.23
C HIS A 100 0.78 11.46 -5.34
N ASP A 101 1.43 12.38 -6.07
CA ASP A 101 0.87 12.99 -7.25
C ASP A 101 1.06 12.06 -8.43
N MET A 102 -0.02 11.54 -8.96
CA MET A 102 0.03 10.59 -10.06
C MET A 102 -0.19 11.28 -11.40
N ASN A 103 0.58 10.84 -12.40
CA ASN A 103 0.30 11.22 -13.78
C ASN A 103 -0.94 10.46 -14.23
N ALA A 104 -1.74 11.11 -15.07
CA ALA A 104 -2.97 10.53 -15.53
C ALA A 104 -2.75 9.20 -16.25
N ALA A 105 -1.68 9.09 -17.02
CA ALA A 105 -1.36 7.87 -17.75
C ALA A 105 -0.97 6.73 -16.80
N ASN A 106 -0.66 7.02 -15.52
CA ASN A 106 -0.27 6.03 -14.52
C ASN A 106 -1.42 5.66 -13.58
N VAL A 107 -2.66 6.02 -13.90
CA VAL A 107 -3.83 5.55 -13.15
C VAL A 107 -4.78 4.83 -14.09
N GLY A 108 -4.92 3.53 -13.85
CA GLY A 108 -5.85 2.70 -14.58
C GLY A 108 -7.25 2.81 -13.99
N TRP A 109 -8.27 2.76 -14.86
CA TRP A 109 -9.67 2.88 -14.52
C TRP A 109 -10.47 2.48 -15.73
N ASN A 110 -11.51 1.66 -15.56
CA ASN A 110 -12.49 1.41 -16.63
C ASN A 110 -11.82 0.90 -17.90
N ASN A 111 -10.92 -0.07 -17.78
CA ASN A 111 -10.32 -0.76 -18.91
C ASN A 111 -9.24 0.08 -19.64
N SER A 112 -8.87 1.27 -19.13
CA SER A 112 -7.89 2.14 -19.75
C SER A 112 -7.21 2.95 -18.67
N THR A 113 -6.68 4.10 -19.02
CA THR A 113 -6.11 5.00 -18.05
C THR A 113 -6.86 6.32 -18.11
N PHE A 114 -6.53 7.25 -17.22
CA PHE A 114 -7.12 8.59 -17.24
C PHE A 114 -6.44 9.51 -18.25
N ALA A 115 -5.42 9.04 -19.00
CA ALA A 115 -4.78 9.95 -19.96
C ALA A 115 -5.76 10.48 -21.02
N PRO B 2 7.55 -7.60 -11.27
CA PRO B 2 6.29 -6.89 -11.05
C PRO B 2 5.63 -7.40 -9.77
N MET B 3 4.90 -6.48 -9.14
CA MET B 3 4.16 -6.77 -7.95
C MET B 3 2.75 -6.18 -8.11
N PHE B 4 1.72 -6.98 -8.02
CA PHE B 4 0.34 -6.53 -8.18
C PHE B 4 -0.43 -6.80 -6.90
N ILE B 5 -1.12 -5.77 -6.40
CA ILE B 5 -1.99 -5.89 -5.24
C ILE B 5 -3.40 -5.43 -5.62
N VAL B 6 -4.38 -6.23 -5.23
CA VAL B 6 -5.78 -5.82 -5.32
C VAL B 6 -6.43 -5.82 -3.94
N ASN B 7 -6.96 -4.64 -3.54
CA ASN B 7 -7.74 -4.50 -2.34
C ASN B 7 -9.22 -4.39 -2.73
N THR B 8 -10.09 -5.20 -2.13
CA THR B 8 -11.47 -5.22 -2.56
C THR B 8 -12.38 -5.49 -1.35
N ASN B 9 -13.61 -5.00 -1.47
CA ASN B 9 -14.69 -5.33 -0.57
C ASN B 9 -15.43 -6.62 -0.95
N VAL B 10 -15.10 -7.26 -2.07
CA VAL B 10 -15.67 -8.59 -2.37
C VAL B 10 -15.22 -9.56 -1.28
N PRO B 11 -16.10 -10.43 -0.80
CA PRO B 11 -15.74 -11.37 0.26
C PRO B 11 -14.82 -12.48 -0.21
N ARG B 12 -14.02 -13.01 0.73
CA ARG B 12 -13.04 -14.05 0.41
C ARG B 12 -13.67 -15.23 -0.35
N ALA B 13 -14.89 -15.62 0.02
CA ALA B 13 -15.46 -16.80 -0.61
C ALA B 13 -15.78 -16.54 -2.06
N SER B 14 -15.88 -15.29 -2.49
CA SER B 14 -16.16 -14.94 -3.86
C SER B 14 -14.89 -14.82 -4.71
N VAL B 15 -13.71 -15.05 -4.13
CA VAL B 15 -12.48 -15.05 -4.90
C VAL B 15 -12.27 -16.48 -5.38
N PRO B 16 -12.29 -16.77 -6.68
CA PRO B 16 -12.32 -18.16 -7.10
C PRO B 16 -10.98 -18.85 -6.93
N ASP B 17 -11.04 -20.16 -6.72
CA ASP B 17 -9.83 -20.97 -6.66
C ASP B 17 -9.07 -20.79 -7.96
N GLY B 18 -7.73 -20.65 -7.83
CA GLY B 18 -6.89 -20.46 -9.01
C GLY B 18 -6.60 -19.01 -9.38
N PHE B 19 -7.23 -18.06 -8.70
CA PHE B 19 -7.14 -16.68 -9.15
C PHE B 19 -5.70 -16.11 -9.05
N LEU B 20 -4.96 -16.42 -7.99
CA LEU B 20 -3.57 -15.96 -7.89
C LEU B 20 -2.71 -16.46 -9.04
N SER B 21 -2.96 -17.70 -9.43
N SER B 21 -2.90 -17.72 -9.46
CA SER B 21 -2.23 -18.31 -10.52
CA SER B 21 -2.16 -18.25 -10.60
C SER B 21 -2.58 -17.62 -11.84
C SER B 21 -2.56 -17.54 -11.88
N GLU B 22 -3.88 -17.32 -12.08
CA GLU B 22 -4.32 -16.64 -13.30
C GLU B 22 -3.66 -15.27 -13.38
N LEU B 23 -3.69 -14.51 -12.28
CA LEU B 23 -3.04 -13.21 -12.26
C LEU B 23 -1.55 -13.32 -12.59
N THR B 24 -0.85 -14.30 -11.99
CA THR B 24 0.58 -14.47 -12.20
C THR B 24 0.87 -14.70 -13.70
N GLN B 25 0.11 -15.63 -14.30
CA GLN B 25 0.29 -16.01 -15.69
C GLN B 25 0.09 -14.82 -16.64
N GLN B 26 -1.03 -14.11 -16.44
CA GLN B 26 -1.41 -13.08 -17.38
C GLN B 26 -0.53 -11.85 -17.21
N LEU B 27 -0.11 -11.56 -15.98
CA LEU B 27 0.85 -10.48 -15.79
C LEU B 27 2.23 -10.80 -16.39
N ALA B 28 2.69 -12.04 -16.27
CA ALA B 28 3.95 -12.42 -16.92
C ALA B 28 3.88 -12.17 -18.43
N GLN B 29 2.75 -12.57 -19.01
CA GLN B 29 2.62 -12.42 -20.45
C GLN B 29 2.52 -10.95 -20.86
N ALA B 30 1.76 -10.17 -20.10
CA ALA B 30 1.52 -8.79 -20.49
C ALA B 30 2.78 -7.94 -20.32
N THR B 31 3.52 -8.16 -19.23
CA THR B 31 4.71 -7.37 -18.95
C THR B 31 5.92 -7.88 -19.69
N GLY B 32 5.90 -9.12 -20.21
CA GLY B 32 7.08 -9.78 -20.77
C GLY B 32 8.11 -10.29 -19.74
N LYS B 33 7.78 -10.27 -18.50
CA LYS B 33 8.71 -10.61 -17.45
C LYS B 33 8.57 -12.10 -17.18
N PRO B 34 9.64 -12.76 -16.73
CA PRO B 34 9.54 -14.18 -16.38
C PRO B 34 8.60 -14.40 -15.19
N PRO B 35 7.71 -15.43 -15.22
CA PRO B 35 6.82 -15.67 -14.10
C PRO B 35 7.46 -15.72 -12.71
N GLN B 36 8.75 -16.11 -12.63
CA GLN B 36 9.45 -16.14 -11.35
C GLN B 36 9.52 -14.74 -10.72
N TYR B 37 9.46 -13.65 -11.49
CA TYR B 37 9.59 -12.30 -10.95
C TYR B 37 8.24 -11.68 -10.61
N ILE B 38 7.14 -12.41 -10.87
CA ILE B 38 5.81 -11.83 -10.67
C ILE B 38 5.32 -12.18 -9.26
N ALA B 39 4.91 -11.17 -8.49
CA ALA B 39 4.27 -11.37 -7.20
C ALA B 39 2.86 -10.77 -7.22
N VAL B 40 1.92 -11.48 -6.57
CA VAL B 40 0.53 -11.10 -6.59
C VAL B 40 -0.04 -11.20 -5.18
N HIS B 41 -0.99 -10.33 -4.87
CA HIS B 41 -1.52 -10.22 -3.53
C HIS B 41 -2.98 -9.75 -3.63
N VAL B 42 -3.92 -10.51 -3.06
CA VAL B 42 -5.33 -10.20 -3.10
C VAL B 42 -5.80 -10.02 -1.67
N VAL B 43 -6.50 -8.92 -1.38
CA VAL B 43 -6.97 -8.59 -0.04
C VAL B 43 -8.47 -8.36 -0.08
N PRO B 44 -9.26 -9.41 0.25
CA PRO B 44 -10.72 -9.30 0.20
C PRO B 44 -11.30 -8.79 1.52
N ASP B 45 -12.62 -8.63 1.56
CA ASP B 45 -13.33 -8.29 2.78
C ASP B 45 -12.99 -6.91 3.32
N GLN B 46 -12.57 -6.00 2.45
CA GLN B 46 -12.14 -4.70 2.93
C GLN B 46 -13.31 -3.72 3.08
N LEU B 47 -13.13 -2.79 4.03
CA LEU B 47 -14.04 -1.69 4.30
C LEU B 47 -13.65 -0.53 3.39
N MET B 48 -14.39 -0.40 2.30
CA MET B 48 -14.01 0.56 1.27
C MET B 48 -15.25 1.12 0.61
N ALA B 49 -15.07 2.26 -0.03
CA ALA B 49 -16.09 2.86 -0.88
C ALA B 49 -15.42 3.49 -2.10
N PHE B 50 -16.20 3.53 -3.19
CA PHE B 50 -15.76 4.09 -4.46
C PHE B 50 -16.90 4.98 -4.91
N GLY B 51 -16.62 6.29 -5.05
CA GLY B 51 -17.70 7.22 -5.39
C GLY B 51 -18.79 7.31 -4.33
N GLY B 52 -18.46 7.03 -3.07
CA GLY B 52 -19.37 7.11 -1.96
C GLY B 52 -20.15 5.83 -1.78
N SER B 53 -19.98 4.86 -2.70
CA SER B 53 -20.76 3.64 -2.75
C SER B 53 -19.95 2.44 -2.26
N SER B 54 -20.60 1.54 -1.53
CA SER B 54 -19.99 0.28 -1.07
C SER B 54 -20.36 -0.90 -1.98
N GLU B 55 -20.87 -0.65 -3.19
CA GLU B 55 -20.98 -1.71 -4.20
C GLU B 55 -19.57 -2.22 -4.52
N PRO B 56 -19.43 -3.44 -5.11
CA PRO B 56 -18.10 -4.00 -5.30
C PRO B 56 -17.18 -3.04 -6.01
N CYS B 57 -15.94 -2.95 -5.51
CA CYS B 57 -14.93 -2.05 -6.06
C CYS B 57 -13.54 -2.64 -5.77
N ALA B 58 -12.55 -2.03 -6.37
CA ALA B 58 -11.18 -2.46 -6.12
C ALA B 58 -10.24 -1.27 -6.22
N LEU B 59 -9.22 -1.24 -5.35
CA LEU B 59 -8.12 -0.30 -5.37
C LEU B 59 -6.84 -1.12 -5.44
N CYS B 60 -6.05 -0.86 -6.48
CA CYS B 60 -4.95 -1.72 -6.83
C CYS B 60 -3.66 -0.95 -7.06
N HIS B 61 -2.55 -1.70 -7.06
CA HIS B 61 -1.23 -1.15 -7.33
C HIS B 61 -0.46 -2.14 -8.19
N LEU B 62 0.27 -1.64 -9.19
CA LEU B 62 1.24 -2.44 -9.91
C LEU B 62 2.55 -1.65 -9.87
N HIS B 63 3.55 -2.25 -9.27
CA HIS B 63 4.92 -1.78 -9.31
C HIS B 63 5.69 -2.65 -10.29
N SER B 64 6.57 -2.05 -11.11
CA SER B 64 7.43 -2.83 -12.01
C SER B 64 8.67 -2.03 -12.30
N ILE B 65 9.78 -2.73 -12.46
CA ILE B 65 11.00 -2.10 -12.94
C ILE B 65 10.90 -2.05 -14.47
N GLY B 66 10.49 -0.87 -14.98
CA GLY B 66 10.23 -0.72 -16.39
C GLY B 66 8.90 -1.37 -16.78
N LYS B 67 8.64 -1.38 -18.09
CA LYS B 67 7.42 -1.92 -18.68
C LYS B 67 6.20 -1.14 -18.21
N ILE B 68 6.39 0.14 -17.90
CA ILE B 68 5.31 1.05 -17.49
C ILE B 68 5.33 2.22 -18.48
N GLY B 69 4.16 2.58 -19.01
CA GLY B 69 4.03 3.76 -19.86
C GLY B 69 2.61 3.83 -20.36
N GLY B 70 2.31 4.86 -21.13
CA GLY B 70 0.93 5.11 -21.50
C GLY B 70 0.24 3.92 -22.17
N ALA B 71 0.83 3.40 -23.25
CA ALA B 71 0.19 2.33 -24.00
C ALA B 71 0.20 1.02 -23.20
N GLN B 72 1.32 0.72 -22.53
CA GLN B 72 1.39 -0.48 -21.72
C GLN B 72 0.38 -0.47 -20.58
N ASN B 73 0.25 0.69 -19.92
CA ASN B 73 -0.68 0.83 -18.82
C ASN B 73 -2.14 0.66 -19.28
N ARG B 74 -2.49 1.16 -20.47
CA ARG B 74 -3.83 0.93 -21.02
C ARG B 74 -4.06 -0.56 -21.16
N SER B 75 -3.05 -1.25 -21.73
CA SER B 75 -3.12 -2.69 -21.91
C SER B 75 -3.32 -3.43 -20.59
N TYR B 76 -2.55 -3.06 -19.60
CA TYR B 76 -2.66 -3.72 -18.30
C TYR B 76 -4.04 -3.48 -17.70
N SER B 77 -4.55 -2.26 -17.85
CA SER B 77 -5.87 -1.94 -17.31
C SER B 77 -7.00 -2.74 -17.95
N LYS B 78 -6.91 -2.94 -19.25
CA LYS B 78 -7.91 -3.75 -19.94
C LYS B 78 -7.83 -5.18 -19.40
N LEU B 79 -6.62 -5.71 -19.32
CA LEU B 79 -6.42 -7.07 -18.81
C LEU B 79 -6.94 -7.22 -17.39
N LEU B 80 -6.53 -6.31 -16.50
CA LEU B 80 -6.80 -6.48 -15.07
C LEU B 80 -8.26 -6.18 -14.74
N CYS B 81 -8.82 -5.12 -15.35
CA CYS B 81 -10.24 -4.89 -15.19
C CYS B 81 -11.04 -6.04 -15.77
N GLY B 82 -10.57 -6.64 -16.89
CA GLY B 82 -11.30 -7.80 -17.42
C GLY B 82 -11.36 -8.92 -16.39
N LEU B 83 -10.21 -9.23 -15.83
CA LEU B 83 -10.11 -10.29 -14.82
C LEU B 83 -10.96 -9.99 -13.58
N LEU B 84 -10.91 -8.76 -13.09
CA LEU B 84 -11.70 -8.42 -11.91
C LEU B 84 -13.21 -8.49 -12.21
N ALA B 85 -13.61 -8.12 -13.42
CA ALA B 85 -15.01 -8.23 -13.83
C ALA B 85 -15.43 -9.69 -13.92
N GLU B 86 -14.65 -10.51 -14.63
CA GLU B 86 -15.12 -11.87 -14.90
C GLU B 86 -15.05 -12.72 -13.62
N ARG B 87 -13.98 -12.53 -12.82
CA ARG B 87 -13.72 -13.39 -11.69
C ARG B 87 -14.36 -12.90 -10.39
N LEU B 88 -14.33 -11.59 -10.14
CA LEU B 88 -14.81 -11.04 -8.89
C LEU B 88 -16.12 -10.28 -9.06
N ARG B 89 -16.58 -10.11 -10.29
CA ARG B 89 -17.85 -9.41 -10.56
C ARG B 89 -17.77 -7.94 -10.17
N ILE B 90 -16.60 -7.32 -10.35
CA ILE B 90 -16.43 -5.90 -10.11
C ILE B 90 -16.50 -5.13 -11.41
N SER B 91 -17.37 -4.13 -11.48
N SER B 91 -17.37 -4.13 -11.48
CA SER B 91 -17.44 -3.27 -12.66
CA SER B 91 -17.44 -3.27 -12.65
C SER B 91 -16.11 -2.58 -12.90
C SER B 91 -16.12 -2.57 -12.91
N PRO B 92 -15.62 -2.53 -14.16
CA PRO B 92 -14.40 -1.82 -14.49
C PRO B 92 -14.35 -0.37 -14.06
N ASP B 93 -15.52 0.31 -14.07
CA ASP B 93 -15.61 1.69 -13.67
C ASP B 93 -15.59 1.89 -12.14
N ARG B 94 -15.35 0.81 -11.38
CA ARG B 94 -15.19 0.86 -9.92
C ARG B 94 -13.84 0.27 -9.54
N VAL B 95 -12.87 0.35 -10.45
CA VAL B 95 -11.50 -0.07 -10.21
C VAL B 95 -10.56 1.10 -10.46
N TYR B 96 -9.64 1.35 -9.51
CA TYR B 96 -8.47 2.20 -9.73
C TYR B 96 -7.20 1.35 -9.62
N ILE B 97 -6.24 1.56 -10.52
CA ILE B 97 -4.95 0.89 -10.49
C ILE B 97 -3.88 1.98 -10.53
N ASN B 98 -3.04 2.04 -9.49
CA ASN B 98 -1.89 2.94 -9.52
C ASN B 98 -0.68 2.19 -10.09
N TYR B 99 -0.09 2.74 -11.17
CA TYR B 99 1.11 2.18 -11.78
C TYR B 99 2.33 2.95 -11.33
N HIS B 100 3.36 2.22 -10.87
CA HIS B 100 4.60 2.81 -10.44
C HIS B 100 5.80 2.16 -11.13
N ASP B 101 6.53 2.96 -11.92
CA ASP B 101 7.75 2.52 -12.55
C ASP B 101 8.90 2.71 -11.57
N MET B 102 9.48 1.59 -11.11
CA MET B 102 10.50 1.60 -10.08
C MET B 102 11.90 1.56 -10.67
N ASN B 103 12.81 2.40 -10.13
CA ASN B 103 14.22 2.29 -10.44
C ASN B 103 14.72 0.99 -9.80
N ALA B 104 15.58 0.27 -10.52
CA ALA B 104 16.19 -0.98 -10.03
C ALA B 104 16.85 -0.79 -8.67
N ALA B 105 17.45 0.38 -8.44
CA ALA B 105 18.14 0.62 -7.16
C ALA B 105 17.18 0.74 -5.98
N ASN B 106 15.87 0.92 -6.28
CA ASN B 106 14.85 1.12 -5.27
C ASN B 106 13.95 -0.12 -5.09
N VAL B 107 14.42 -1.28 -5.58
CA VAL B 107 13.74 -2.54 -5.32
C VAL B 107 14.73 -3.52 -4.67
N GLY B 108 14.43 -3.90 -3.44
CA GLY B 108 15.18 -4.89 -2.68
C GLY B 108 14.64 -6.29 -2.98
N TRP B 109 15.57 -7.23 -3.07
CA TRP B 109 15.29 -8.64 -3.37
C TRP B 109 16.54 -9.45 -3.01
N ASN B 110 16.39 -10.56 -2.29
CA ASN B 110 17.50 -11.51 -2.14
C ASN B 110 18.78 -10.84 -1.56
N ASN B 111 18.57 -10.06 -0.48
CA ASN B 111 19.67 -9.46 0.29
C ASN B 111 20.33 -8.28 -0.41
N SER B 112 19.79 -7.80 -1.53
CA SER B 112 20.42 -6.72 -2.28
C SER B 112 19.31 -5.96 -3.02
N THR B 113 19.68 -5.21 -4.07
CA THR B 113 18.71 -4.60 -4.98
C THR B 113 18.99 -5.05 -6.40
N PHE B 114 18.12 -4.66 -7.33
CA PHE B 114 18.27 -5.00 -8.73
C PHE B 114 19.29 -4.14 -9.48
N ALA B 115 19.81 -3.07 -8.88
CA ALA B 115 20.75 -2.22 -9.59
C ALA B 115 22.04 -2.97 -9.96
N PRO C 2 10.81 7.36 9.10
CA PRO C 2 10.78 6.18 8.20
C PRO C 2 9.58 5.32 8.57
N MET C 3 9.03 4.63 7.58
CA MET C 3 7.90 3.75 7.83
C MET C 3 8.06 2.49 6.99
N PHE C 4 7.86 1.33 7.63
CA PHE C 4 8.09 0.06 6.99
C PHE C 4 6.86 -0.81 7.15
N ILE C 5 6.41 -1.43 6.06
CA ILE C 5 5.30 -2.38 6.04
C ILE C 5 5.81 -3.69 5.48
N VAL C 6 5.41 -4.79 6.14
CA VAL C 6 5.62 -6.12 5.59
C VAL C 6 4.27 -6.81 5.47
N ASN C 7 3.96 -7.23 4.23
CA ASN C 7 2.78 -8.03 3.93
C ASN C 7 3.26 -9.45 3.68
N THR C 8 2.71 -10.45 4.37
CA THR C 8 3.21 -11.81 4.25
C THR C 8 2.06 -12.80 4.37
N ASN C 9 2.26 -13.97 3.77
CA ASN C 9 1.38 -15.13 3.94
C ASN C 9 1.75 -15.97 5.17
N VAL C 10 2.84 -15.65 5.88
CA VAL C 10 3.13 -16.33 7.15
C VAL C 10 1.99 -16.07 8.13
N PRO C 11 1.57 -17.09 8.90
CA PRO C 11 0.47 -16.89 9.84
C PRO C 11 0.81 -16.02 11.03
N ARG C 12 -0.23 -15.39 11.59
CA ARG C 12 -0.03 -14.47 12.71
C ARG C 12 0.74 -15.12 13.87
N ALA C 13 0.42 -16.39 14.18
CA ALA C 13 1.06 -17.03 15.33
C ALA C 13 2.56 -17.24 15.12
N SER C 14 3.04 -17.13 13.88
CA SER C 14 4.44 -17.34 13.56
C SER C 14 5.22 -16.02 13.64
N VAL C 15 4.52 -14.91 13.89
CA VAL C 15 5.21 -13.64 14.08
C VAL C 15 5.63 -13.54 15.55
N PRO C 16 6.95 -13.46 15.87
CA PRO C 16 7.32 -13.45 17.28
C PRO C 16 6.83 -12.23 18.05
N ASP C 17 6.60 -12.45 19.35
CA ASP C 17 6.44 -11.37 20.29
C ASP C 17 7.78 -10.63 20.24
N GLY C 18 7.64 -9.33 20.16
CA GLY C 18 8.80 -8.44 20.07
C GLY C 18 9.24 -8.09 18.65
N PHE C 19 8.59 -8.64 17.62
CA PHE C 19 9.00 -8.37 16.25
C PHE C 19 8.84 -6.90 15.86
N LEU C 20 7.74 -6.26 16.24
CA LEU C 20 7.57 -4.84 15.94
C LEU C 20 8.64 -3.97 16.62
N SER C 21 8.94 -4.27 17.88
CA SER C 21 10.01 -3.56 18.58
C SER C 21 11.38 -3.79 17.96
N GLU C 22 11.68 -5.02 17.52
CA GLU C 22 12.94 -5.31 16.84
C GLU C 22 13.05 -4.57 15.51
N LEU C 23 11.98 -4.57 14.68
CA LEU C 23 12.01 -3.79 13.45
C LEU C 23 12.25 -2.31 13.77
N THR C 24 11.60 -1.76 14.81
CA THR C 24 11.75 -0.34 15.15
C THR C 24 13.20 -0.04 15.47
N GLN C 25 13.79 -0.85 16.36
CA GLN C 25 15.15 -0.59 16.78
C GLN C 25 16.11 -0.75 15.61
N GLN C 26 15.95 -1.82 14.83
CA GLN C 26 16.90 -2.08 13.75
C GLN C 26 16.79 -1.03 12.66
N LEU C 27 15.55 -0.56 12.37
CA LEU C 27 15.42 0.51 11.38
C LEU C 27 15.93 1.86 11.89
N ALA C 28 15.76 2.15 13.18
CA ALA C 28 16.35 3.34 13.75
C ALA C 28 17.86 3.31 13.56
N GLN C 29 18.48 2.16 13.87
CA GLN C 29 19.92 2.06 13.70
C GLN C 29 20.36 2.20 12.24
N ALA C 30 19.62 1.59 11.35
CA ALA C 30 20.00 1.53 9.94
C ALA C 30 19.84 2.89 9.25
N THR C 31 18.71 3.56 9.51
CA THR C 31 18.44 4.85 8.92
C THR C 31 19.14 5.99 9.66
N GLY C 32 19.56 5.71 10.88
CA GLY C 32 20.13 6.69 11.79
C GLY C 32 19.08 7.61 12.42
N LYS C 33 17.78 7.43 12.13
CA LYS C 33 16.76 8.31 12.66
C LYS C 33 16.34 7.90 14.05
N PRO C 34 15.85 8.83 14.89
CA PRO C 34 15.38 8.44 16.23
C PRO C 34 14.22 7.47 16.16
N PRO C 35 14.12 6.51 17.10
CA PRO C 35 13.05 5.57 17.04
C PRO C 35 11.67 6.21 17.13
N GLN C 36 11.58 7.39 17.78
CA GLN C 36 10.32 8.09 17.86
C GLN C 36 9.70 8.37 16.48
N TYR C 37 10.52 8.45 15.43
CA TYR C 37 10.06 8.78 14.08
C TYR C 37 9.80 7.51 13.24
N ILE C 38 10.06 6.33 13.78
CA ILE C 38 9.96 5.10 13.00
C ILE C 38 8.60 4.45 13.24
N ALA C 39 7.93 4.08 12.15
CA ALA C 39 6.64 3.40 12.23
C ALA C 39 6.80 2.07 11.49
N VAL C 40 6.19 1.01 12.07
CA VAL C 40 6.27 -0.32 11.49
C VAL C 40 4.89 -0.97 11.47
N HIS C 41 4.66 -1.88 10.52
CA HIS C 41 3.36 -2.45 10.29
C HIS C 41 3.61 -3.83 9.68
N VAL C 42 3.03 -4.86 10.32
CA VAL C 42 3.15 -6.24 9.84
C VAL C 42 1.74 -6.78 9.56
N VAL C 43 1.59 -7.39 8.38
CA VAL C 43 0.28 -7.87 7.95
C VAL C 43 0.41 -9.34 7.56
N PRO C 44 0.13 -10.25 8.51
CA PRO C 44 0.25 -11.67 8.27
C PRO C 44 -1.00 -12.25 7.61
N ASP C 45 -0.96 -13.56 7.34
CA ASP C 45 -2.13 -14.31 6.88
C ASP C 45 -2.63 -13.87 5.49
N GLN C 46 -1.76 -13.31 4.66
CA GLN C 46 -2.22 -12.74 3.40
C GLN C 46 -2.29 -13.81 2.30
N LEU C 47 -3.26 -13.58 1.41
CA LEU C 47 -3.41 -14.37 0.20
C LEU C 47 -2.48 -13.80 -0.88
N MET C 48 -1.31 -14.42 -1.04
CA MET C 48 -0.29 -13.91 -1.94
C MET C 48 0.51 -15.05 -2.54
N ALA C 49 1.17 -14.73 -3.63
CA ALA C 49 2.09 -15.63 -4.32
C ALA C 49 3.28 -14.84 -4.85
N PHE C 50 4.38 -15.57 -5.00
CA PHE C 50 5.64 -15.01 -5.44
C PHE C 50 6.19 -16.04 -6.44
N GLY C 51 6.33 -15.66 -7.70
CA GLY C 51 6.75 -16.58 -8.74
C GLY C 51 5.74 -17.69 -8.95
N GLY C 52 4.45 -17.44 -8.65
CA GLY C 52 3.38 -18.40 -8.82
C GLY C 52 3.24 -19.37 -7.65
N SER C 53 4.13 -19.27 -6.66
CA SER C 53 4.23 -20.14 -5.50
C SER C 53 3.68 -19.47 -4.24
N SER C 54 3.00 -20.26 -3.41
CA SER C 54 2.48 -19.79 -2.14
C SER C 54 3.30 -20.27 -0.95
N GLU C 55 4.54 -20.66 -1.20
CA GLU C 55 5.51 -20.80 -0.15
C GLU C 55 5.71 -19.44 0.55
N PRO C 56 6.28 -19.42 1.77
CA PRO C 56 6.40 -18.16 2.47
C PRO C 56 7.05 -17.07 1.64
N CYS C 57 6.46 -15.87 1.67
CA CYS C 57 6.97 -14.73 0.90
C CYS C 57 6.64 -13.44 1.64
N ALA C 58 7.23 -12.34 1.21
CA ALA C 58 6.87 -11.03 1.75
C ALA C 58 6.99 -9.94 0.69
N LEU C 59 6.02 -9.02 0.71
CA LEU C 59 6.00 -7.84 -0.15
C LEU C 59 5.98 -6.65 0.80
N CYS C 60 6.97 -5.78 0.67
CA CYS C 60 7.25 -4.75 1.65
C CYS C 60 7.43 -3.39 1.01
N HIS C 61 7.25 -2.35 1.81
CA HIS C 61 7.52 -0.97 1.44
C HIS C 61 8.28 -0.28 2.54
N LEU C 62 9.25 0.54 2.16
CA LEU C 62 9.92 1.46 3.08
C LEU C 62 9.80 2.86 2.48
N HIS C 63 9.09 3.74 3.20
CA HIS C 63 9.04 5.17 2.85
C HIS C 63 9.93 5.91 3.83
N SER C 64 10.74 6.84 3.35
CA SER C 64 11.55 7.67 4.22
C SER C 64 11.79 9.01 3.56
N ILE C 65 11.83 10.07 4.39
CA ILE C 65 12.31 11.35 3.90
C ILE C 65 13.84 11.33 3.93
N GLY C 66 14.45 11.07 2.76
CA GLY C 66 15.88 10.87 2.65
C GLY C 66 16.28 9.52 3.21
N LYS C 67 17.58 9.33 3.30
CA LYS C 67 18.22 8.10 3.73
C LYS C 67 17.90 6.94 2.76
N ILE C 68 17.62 7.29 1.50
CA ILE C 68 17.32 6.31 0.44
C ILE C 68 18.36 6.51 -0.66
N GLY C 69 18.95 5.43 -1.15
CA GLY C 69 19.87 5.53 -2.27
C GLY C 69 20.48 4.17 -2.57
N GLY C 70 21.35 4.12 -3.57
CA GLY C 70 21.82 2.81 -4.04
C GLY C 70 22.49 1.97 -2.94
N ALA C 71 23.50 2.51 -2.28
CA ALA C 71 24.19 1.75 -1.23
C ALA C 71 23.34 1.53 0.00
N GLN C 72 22.64 2.59 0.42
CA GLN C 72 21.76 2.45 1.57
C GLN C 72 20.70 1.39 1.36
N ASN C 73 20.14 1.34 0.16
CA ASN C 73 19.05 0.39 -0.08
C ASN C 73 19.58 -1.05 -0.15
N ARG C 74 20.82 -1.23 -0.64
CA ARG C 74 21.44 -2.55 -0.55
C ARG C 74 21.57 -2.97 0.91
N SER C 75 22.07 -2.04 1.76
CA SER C 75 22.25 -2.35 3.17
C SER C 75 20.92 -2.68 3.84
N TYR C 76 19.89 -1.87 3.56
CA TYR C 76 18.57 -2.12 4.14
C TYR C 76 18.04 -3.50 3.72
N SER C 77 18.29 -3.87 2.46
CA SER C 77 17.79 -5.14 1.93
C SER C 77 18.46 -6.32 2.64
N LYS C 78 19.78 -6.24 2.87
CA LYS C 78 20.45 -7.30 3.60
C LYS C 78 19.90 -7.40 5.03
N LEU C 79 19.73 -6.24 5.68
CA LEU C 79 19.24 -6.19 7.03
C LEU C 79 17.86 -6.80 7.14
N LEU C 80 16.95 -6.30 6.29
CA LEU C 80 15.55 -6.67 6.38
C LEU C 80 15.29 -8.12 5.92
N CYS C 81 15.92 -8.52 4.82
CA CYS C 81 15.85 -9.93 4.45
C CYS C 81 16.39 -10.81 5.57
N GLY C 82 17.47 -10.38 6.23
CA GLY C 82 17.99 -11.15 7.37
C GLY C 82 16.94 -11.36 8.44
N LEU C 83 16.25 -10.29 8.80
CA LEU C 83 15.27 -10.33 9.86
C LEU C 83 14.09 -11.21 9.44
N LEU C 84 13.63 -11.07 8.18
CA LEU C 84 12.50 -11.86 7.74
C LEU C 84 12.87 -13.35 7.68
N ALA C 85 14.11 -13.69 7.29
CA ALA C 85 14.57 -15.06 7.28
C ALA C 85 14.64 -15.63 8.71
N GLU C 86 15.30 -14.88 9.62
CA GLU C 86 15.52 -15.38 10.97
C GLU C 86 14.21 -15.49 11.75
N ARG C 87 13.36 -14.46 11.65
CA ARG C 87 12.19 -14.37 12.51
C ARG C 87 10.95 -14.99 11.88
N LEU C 88 10.76 -14.87 10.55
CA LEU C 88 9.54 -15.34 9.89
C LEU C 88 9.81 -16.54 8.99
N ARG C 89 11.09 -16.97 8.88
CA ARG C 89 11.47 -18.14 8.09
C ARG C 89 11.10 -17.95 6.61
N ILE C 90 11.22 -16.71 6.11
CA ILE C 90 11.04 -16.39 4.69
C ILE C 90 12.38 -16.29 3.97
N SER C 91 12.51 -17.04 2.87
CA SER C 91 13.73 -17.04 2.09
C SER C 91 13.96 -15.63 1.51
N PRO C 92 15.19 -15.10 1.53
CA PRO C 92 15.45 -13.77 0.94
C PRO C 92 15.04 -13.61 -0.51
N ASP C 93 15.06 -14.71 -1.27
CA ASP C 93 14.70 -14.65 -2.69
C ASP C 93 13.18 -14.71 -2.92
N ARG C 94 12.39 -14.66 -1.83
CA ARG C 94 10.95 -14.52 -1.91
C ARG C 94 10.48 -13.27 -1.16
N VAL C 95 11.35 -12.25 -1.12
CA VAL C 95 11.04 -10.94 -0.56
C VAL C 95 11.26 -9.88 -1.62
N TYR C 96 10.28 -8.99 -1.77
CA TYR C 96 10.47 -7.73 -2.45
C TYR C 96 10.28 -6.57 -1.47
N ILE C 97 11.15 -5.55 -1.59
CA ILE C 97 11.01 -4.33 -0.80
C ILE C 97 11.05 -3.13 -1.75
N ASN C 98 9.99 -2.33 -1.78
CA ASN C 98 9.96 -1.14 -2.58
C ASN C 98 10.37 0.04 -1.70
N TYR C 99 11.43 0.75 -2.12
CA TYR C 99 11.95 1.90 -1.42
C TYR C 99 11.41 3.17 -2.09
N HIS C 100 10.88 4.09 -1.27
CA HIS C 100 10.37 5.36 -1.77
C HIS C 100 10.99 6.49 -0.94
N ASP C 101 11.75 7.34 -1.62
CA ASP C 101 12.31 8.55 -1.05
C ASP C 101 11.28 9.66 -1.16
N MET C 102 10.70 10.06 -0.05
CA MET C 102 9.66 11.05 -0.01
C MET C 102 10.21 12.45 0.22
N ASN C 103 9.68 13.42 -0.56
CA ASN C 103 9.90 14.81 -0.22
C ASN C 103 9.18 15.16 1.09
N ALA C 104 9.77 16.01 1.90
CA ALA C 104 9.21 16.41 3.16
C ALA C 104 7.81 17.03 3.04
N ALA C 105 7.56 17.77 1.96
CA ALA C 105 6.28 18.37 1.71
C ALA C 105 5.21 17.34 1.38
N ASN C 106 5.61 16.11 1.03
CA ASN C 106 4.68 15.04 0.65
C ASN C 106 4.49 14.02 1.77
N VAL C 107 4.87 14.36 3.01
CA VAL C 107 4.55 13.51 4.15
C VAL C 107 3.81 14.37 5.19
N GLY C 108 2.54 14.01 5.38
CA GLY C 108 1.72 14.60 6.42
C GLY C 108 1.96 13.96 7.79
N TRP C 109 1.85 14.80 8.83
CA TRP C 109 2.09 14.39 10.21
C TRP C 109 1.62 15.54 11.10
N ASN C 110 0.89 15.25 12.17
CA ASN C 110 0.62 16.24 13.21
C ASN C 110 -0.01 17.51 12.62
N ASN C 111 -1.03 17.31 11.80
CA ASN C 111 -1.86 18.41 11.26
C ASN C 111 -1.15 19.25 10.19
N SER C 112 0.06 18.87 9.78
CA SER C 112 0.78 19.62 8.76
C SER C 112 1.66 18.65 7.96
N THR C 113 2.76 19.09 7.36
CA THR C 113 3.71 18.21 6.68
C THR C 113 5.08 18.42 7.35
N PHE C 114 6.07 17.67 6.90
CA PHE C 114 7.44 17.80 7.40
C PHE C 114 8.18 18.94 6.72
N ALA C 115 7.62 19.64 5.73
CA ALA C 115 8.39 20.68 5.07
C ALA C 115 8.82 21.77 6.05
ZN ZN D . 3.74 5.40 -1.08
C CO3 E . 3.24 3.64 -3.10
O1 CO3 E . 4.07 3.91 -2.10
O2 CO3 E . 2.23 4.40 -3.27
O3 CO3 E . 3.50 2.70 -3.97
S SO4 F . 0.50 24.09 -3.58
O1 SO4 F . 1.53 24.68 -2.68
O2 SO4 F . 1.17 23.65 -4.81
O3 SO4 F . -0.18 22.97 -2.95
O4 SO4 F . -0.47 25.11 -3.96
S SO4 G . -4.02 20.64 -10.74
O1 SO4 G . -3.16 20.13 -9.70
O2 SO4 G . -4.85 19.56 -11.27
O3 SO4 G . -4.94 21.64 -10.22
O4 SO4 G . -3.25 21.25 -11.80
C1 GOL H . -7.52 9.01 -9.47
O1 GOL H . -8.67 8.21 -9.24
C2 GOL H . -7.89 10.47 -9.79
O2 GOL H . -9.29 10.65 -10.06
C3 GOL H . -7.42 11.43 -8.72
O3 GOL H . -7.48 12.78 -9.28
C1 IPA I . -15.98 7.97 -11.79
C2 IPA I . -17.31 8.05 -12.49
C3 IPA I . -17.81 6.75 -13.00
O2 IPA I . -17.25 8.98 -13.57
ZN ZN J . 1.24 4.14 -4.93
S SO4 K . 4.44 3.06 -23.73
O1 SO4 K . 5.57 3.83 -23.18
O2 SO4 K . 4.97 2.25 -24.85
O3 SO4 K . 3.83 2.20 -22.74
O4 SO4 K . 3.45 4.01 -24.28
C1 GOL L . 9.85 -5.77 -9.44
O1 GOL L . 9.49 -5.60 -10.82
C2 GOL L . 9.53 -4.62 -8.51
O2 GOL L . 8.84 -3.60 -9.20
C3 GOL L . 8.76 -5.05 -7.26
O3 GOL L . 8.04 -3.97 -6.65
C1 IPA M . 11.26 -6.45 -12.65
C2 IPA M . 11.83 -7.82 -12.48
C3 IPA M . 11.91 -8.23 -11.03
O2 IPA M . 13.08 -7.90 -13.21
ZN ZN N . 5.24 1.83 -3.77
S SO4 O . 23.71 6.09 -1.35
O1 SO4 O . 24.77 6.53 -0.40
O2 SO4 O . 24.35 5.31 -2.43
O3 SO4 O . 22.68 5.31 -0.69
O4 SO4 O . 23.08 7.25 -1.95
C1 GOL P . 9.16 10.07 8.72
O1 GOL P . 10.15 10.73 9.50
C2 GOL P . 9.62 9.96 7.29
O2 GOL P . 10.98 9.52 7.36
C3 GOL P . 8.78 9.02 6.44
O3 GOL P . 7.60 8.56 7.12
C1 IPA Q . 7.81 12.10 16.38
C2 IPA Q . 7.80 12.67 17.74
C3 IPA Q . 8.59 13.91 17.86
O2 IPA Q . 6.46 12.96 18.11
C1 IPA R . 13.80 12.89 8.78
C2 IPA R . 13.44 14.33 8.79
C3 IPA R . 12.07 14.61 8.36
O2 IPA R . 14.52 15.18 8.32
#